data_7YVM
#
_entry.id   7YVM
#
_cell.length_a   1.00
_cell.length_b   1.00
_cell.length_c   1.00
_cell.angle_alpha   90.00
_cell.angle_beta   90.00
_cell.angle_gamma   90.00
#
_symmetry.space_group_name_H-M   'P 1'
#
loop_
_entity.id
_entity.type
_entity.pdbx_description
1 polymer 'TH281 Fab light chain'
2 polymer 'TH281 Fab heavy chain'
3 polymer 'Spike glycoprotein'
#
loop_
_entity_poly.entity_id
_entity_poly.type
_entity_poly.pdbx_seq_one_letter_code
_entity_poly.pdbx_strand_id
1 'polypeptide(L)'
;EIVMTQSPATLSVSPGERATLSCRASQSVSSDLAWYQQKPGQAPRLLIYGASTRATGIPARFSGSGSGTEFTLTISSLQS
EDSAVYYCQQYNNWPPGYTFGQGTKLEIK
;
A
2 'polypeptide(L)'
;EVQLVESGGGLVQPGGSLRLSCAASEITVSRNYMSWVRQAPGKGLEWVSVMFAGGSTFYADSVKGRFTISRDNSKNTLYL
QMNSLRAEDTAVYYCARDLGVVGATDYWGQGTLVTVSS
;
C
3 'polypeptide(L)'
;MFVFLVLLPLVSSQCVNLITRTQLPPAYTNSFTRGVYYPDKVFRSSVLHSTQDLFLPFFSNVTWFHAIHVSGTNGTKRFD
NPVLPFNDGVYFASTEKSNIIRGWIFGTTLDSKTQSLLIVNNATNVVIKVCEFQFCNDPFLDVYYHKNNKSWMESEFRVY
SSANNCTFEYVSQPFLMDLEGKQGNFKNLREFVFKNIDGYFKIYSKHTPINLGRDLPQGFSALEPLVDLPIGINITRFQT
LLALHRSYLTPGDSSSGWTAGAAAYYVGYLQPRTFLLKYNENGTITDAVDCALDPLSETKCTLKSFTVEKGIYQTSNFRV
QPTESIVRFPNITNLCPFDEVFNATRFASVYAWNRKRISNCVADYSVLYNFAPFFAFKCYGVSPTKLNDLCFTNVYADSF
VIRGNEVSQIAPGQTGNIADYNYKLPDDFTGCVIAWNSNKLDSKVGGNYNYRYRLFRKSNLKPFERDISTEIYQAGNKPC
NGVAGVNCYFPLQSYGFRPTYGVGHQPYRVVVLSFELLHAPATVCGPKKSTNLVKNKCVNFNFNGLTGTGVLTESNKKFL
PFQQFGRDIADTTDAVRDPQTLEILDITPCSFGGVSVITPGTNTSNQVAVLYQGVNCTEVPVAIHADQLTPTWRVYSTGS
NVFQTRAGCLIGAEYVNSSYECDIPIGAGICASYQTQTKSHGSASSVASQSIIAYTMSLGAENSVAYSNNSIAIPTNFTI
SVTTEILPVSMTKTSVDCTMYICGDSTECSNLLLQYGSFCTQLKRALTGIAVEQDKNTQEVFAQVKQIYKTPPIKYFGGF
NFSQILPDPSKPSKRSPIEDLLFNKVTLADAGFIKQYGDCLGDIAARDLICAQKFNGLTVLPPLLTDEMIAQYTSALLAG
TITSGWTFGAGPALQIPFPMQMAYRFNGIGVTQNVLYENQKLIANQFNSAIGKIQDSLSSTPSALGKLQDVVNHNAQALN
TLVKQLSSKFGAISSVLNDILSRLDPPEAEVQIDRLITGRLQSLQTYVTQQLIRAAEIRASANLAATKMSECVLGQSKRV
DFCGKGYHLMSFPQSAPHGVVFLHVTYVPAQEKNFTTAPAICHDGKAHFPREGVFVSNGTHWFVTQRNFYEPQIITTDNT
FVSGNCDVVIGIVNNTVYDPLQPELDSFKEELDKYFKNHTSPDVDLGDISGINASVVNIQKEIDRLNEVAKNLNESLIDL
QELGKYEQGSGYIPEAPRDGQAYVRKDGEWVFLSTFLSGLEVLFQGPGGWSHPQFEKGGGSGGGSGGSAWSHPQFEKGGS
HHHHHHHH
;
B
#
# COMPACT_ATOMS: atom_id res chain seq x y z
N GLU A 1 2.35 13.27 -2.48
CA GLU A 1 3.54 13.34 -3.32
C GLU A 1 4.68 13.90 -2.49
N ILE A 2 5.40 13.02 -1.82
CA ILE A 2 6.54 13.40 -0.99
C ILE A 2 7.80 13.41 -1.84
N VAL A 3 8.49 14.55 -1.87
CA VAL A 3 9.68 14.73 -2.69
C VAL A 3 10.90 14.39 -1.84
N MET A 4 11.72 13.45 -2.33
CA MET A 4 12.94 13.05 -1.65
C MET A 4 14.17 13.67 -2.29
N THR A 5 15.12 14.07 -1.45
CA THR A 5 16.33 14.74 -1.90
C THR A 5 17.54 14.04 -1.32
N GLN A 6 18.41 13.55 -2.19
CA GLN A 6 19.60 12.83 -1.75
C GLN A 6 20.77 13.78 -1.62
N SER A 7 21.81 13.35 -0.90
CA SER A 7 22.97 14.18 -0.70
C SER A 7 24.12 13.32 -0.20
N PRO A 8 25.36 13.65 -0.55
CA PRO A 8 25.64 14.64 -1.59
C PRO A 8 25.34 14.06 -2.98
N ALA A 9 25.60 14.82 -4.04
CA ALA A 9 25.37 14.31 -5.39
C ALA A 9 26.42 13.28 -5.77
N THR A 10 27.69 13.58 -5.51
CA THR A 10 28.79 12.71 -5.86
C THR A 10 29.69 12.52 -4.65
N LEU A 11 30.52 11.47 -4.70
CA LEU A 11 31.40 11.14 -3.58
C LEU A 11 32.55 10.30 -4.10
N SER A 12 33.78 10.72 -3.78
CA SER A 12 34.98 9.98 -4.15
C SER A 12 35.83 9.81 -2.89
N VAL A 13 35.89 8.59 -2.37
CA VAL A 13 36.59 8.30 -1.14
C VAL A 13 37.68 7.25 -1.38
N SER A 14 38.80 7.41 -0.68
CA SER A 14 39.89 6.45 -0.76
C SER A 14 39.41 5.05 -0.38
N PRO A 15 40.01 4.00 -0.95
CA PRO A 15 39.58 2.65 -0.61
C PRO A 15 39.79 2.36 0.87
N GLY A 16 38.89 1.55 1.44
CA GLY A 16 39.12 1.04 2.77
C GLY A 16 38.53 1.86 3.89
N GLU A 17 37.94 3.01 3.61
CA GLU A 17 37.45 3.89 4.65
C GLU A 17 35.92 3.79 4.69
N ARG A 18 35.28 4.62 5.51
CA ARG A 18 33.83 4.63 5.64
C ARG A 18 33.19 5.58 4.63
N ALA A 19 31.90 5.36 4.37
CA ALA A 19 31.18 6.27 3.49
C ALA A 19 29.79 6.53 4.04
N THR A 20 29.34 7.78 3.90
CA THR A 20 28.10 8.26 4.53
C THR A 20 27.24 8.95 3.47
N LEU A 21 26.02 8.47 3.27
CA LEU A 21 25.11 9.06 2.30
C LEU A 21 23.80 9.41 2.99
N SER A 22 23.32 10.64 2.79
CA SER A 22 22.10 11.11 3.43
C SER A 22 20.95 11.14 2.43
N CYS A 23 19.76 10.77 2.89
CA CYS A 23 18.55 10.92 2.10
C CYS A 23 17.48 11.59 2.94
N ARG A 24 16.92 12.69 2.44
CA ARG A 24 16.07 13.59 3.20
C ARG A 24 14.67 13.59 2.60
N ALA A 25 13.68 13.39 3.46
CA ALA A 25 12.28 13.41 3.09
C ALA A 25 11.68 14.78 3.37
N SER A 26 10.45 14.97 2.88
CA SER A 26 9.75 16.23 3.10
C SER A 26 8.56 16.11 4.05
N GLN A 27 8.18 14.90 4.44
CA GLN A 27 7.08 14.67 5.37
C GLN A 27 7.50 13.54 6.30
N SER A 28 6.55 13.01 7.06
CA SER A 28 6.86 11.93 8.00
C SER A 28 6.91 10.62 7.23
N VAL A 29 8.11 10.04 7.16
CA VAL A 29 8.27 8.70 6.51
C VAL A 29 8.56 7.69 7.62
N SER A 30 8.39 8.09 8.88
CA SER A 30 8.65 7.19 10.03
C SER A 30 9.87 6.30 9.73
N SER A 31 9.67 5.00 9.63
CA SER A 31 10.77 4.05 9.33
C SER A 31 10.46 3.27 8.06
N ASP A 32 9.63 3.84 7.17
CA ASP A 32 9.24 3.15 5.92
C ASP A 32 10.18 3.57 4.80
N LEU A 33 11.21 2.77 4.48
CA LEU A 33 12.17 3.21 3.47
C LEU A 33 12.85 2.00 2.85
N ALA A 34 13.75 2.26 1.92
CA ALA A 34 14.64 1.23 1.41
C ALA A 34 15.75 1.88 0.61
N TRP A 35 16.81 1.11 0.37
CA TRP A 35 17.98 1.57 -0.36
C TRP A 35 18.31 0.56 -1.44
N TYR A 36 18.48 1.03 -2.67
CA TYR A 36 18.76 0.18 -3.82
C TYR A 36 20.12 0.57 -4.37
N GLN A 37 20.92 -0.42 -4.74
CA GLN A 37 22.21 -0.19 -5.38
C GLN A 37 22.17 -0.70 -6.81
N GLN A 38 22.12 0.22 -7.78
CA GLN A 38 21.98 -0.15 -9.19
C GLN A 38 23.35 -0.08 -9.85
N LYS A 39 24.11 -1.16 -9.77
CA LYS A 39 25.40 -1.18 -10.45
C LYS A 39 25.19 -0.92 -11.93
N PRO A 40 26.03 -0.09 -12.56
CA PRO A 40 25.71 0.38 -13.92
C PRO A 40 25.68 -0.74 -14.94
N GLY A 41 24.50 -1.00 -15.51
CA GLY A 41 24.38 -1.96 -16.58
C GLY A 41 23.25 -2.95 -16.44
N GLN A 42 22.57 -2.94 -15.30
CA GLN A 42 21.47 -3.88 -15.08
C GLN A 42 20.54 -3.30 -14.02
N ALA A 43 19.56 -4.09 -13.60
CA ALA A 43 18.55 -3.64 -12.68
C ALA A 43 19.14 -3.37 -11.29
N PRO A 44 18.45 -2.56 -10.49
CA PRO A 44 18.93 -2.27 -9.13
C PRO A 44 18.89 -3.52 -8.26
N ARG A 45 19.50 -3.39 -7.09
CA ARG A 45 19.57 -4.47 -6.12
C ARG A 45 19.22 -3.91 -4.76
N LEU A 46 18.31 -4.58 -4.05
CA LEU A 46 17.86 -4.09 -2.75
C LEU A 46 18.94 -4.35 -1.72
N LEU A 47 19.28 -3.34 -0.92
CA LEU A 47 20.24 -3.47 0.14
C LEU A 47 19.60 -3.52 1.52
N ILE A 48 18.82 -2.50 1.86
CA ILE A 48 18.29 -2.32 3.21
C ILE A 48 16.86 -1.88 3.12
N TYR A 49 15.95 -2.61 3.76
CA TYR A 49 14.50 -2.28 3.65
C TYR A 49 14.00 -1.76 4.99
N GLY A 50 12.70 -1.43 5.07
CA GLY A 50 12.16 -0.85 6.32
C GLY A 50 12.97 0.35 6.76
N ALA A 51 13.48 0.32 8.00
CA ALA A 51 14.29 1.45 8.53
C ALA A 51 15.77 1.17 8.30
N SER A 52 16.26 -0.01 8.71
CA SER A 52 17.70 -0.33 8.60
C SER A 52 17.89 -1.85 8.48
N THR A 53 16.80 -2.60 8.27
CA THR A 53 16.91 -4.05 8.24
C THR A 53 17.69 -4.45 7.01
N ARG A 54 18.71 -5.28 7.20
CA ARG A 54 19.58 -5.65 6.09
C ARG A 54 18.95 -6.80 5.32
N ALA A 55 18.72 -6.58 4.03
CA ALA A 55 18.15 -7.61 3.18
C ALA A 55 19.01 -8.87 3.23
N THR A 56 18.35 -10.02 3.04
CA THR A 56 19.05 -11.30 3.09
C THR A 56 20.27 -11.30 2.17
N GLY A 57 21.32 -11.98 2.62
CA GLY A 57 22.53 -12.08 1.82
C GLY A 57 23.43 -10.86 1.88
N ILE A 58 22.82 -9.67 1.76
CA ILE A 58 23.51 -8.38 1.75
C ILE A 58 24.63 -8.28 2.77
N PRO A 59 25.87 -8.13 2.33
CA PRO A 59 27.02 -8.07 3.25
C PRO A 59 26.81 -7.10 4.40
N ALA A 60 27.16 -7.56 5.61
CA ALA A 60 27.07 -6.74 6.81
C ALA A 60 27.80 -5.40 6.70
N ARG A 61 28.70 -5.23 5.74
CA ARG A 61 29.42 -3.98 5.60
C ARG A 61 28.52 -2.75 5.46
N PHE A 62 27.23 -2.94 5.19
CA PHE A 62 26.27 -1.84 5.07
C PHE A 62 25.52 -1.64 6.38
N SER A 63 25.13 -0.40 6.64
CA SER A 63 24.35 -0.09 7.83
C SER A 63 23.43 1.08 7.55
N GLY A 64 22.14 0.91 7.82
CA GLY A 64 21.16 1.97 7.63
C GLY A 64 20.74 2.53 8.97
N SER A 65 20.34 3.80 8.98
CA SER A 65 19.91 4.47 10.19
C SER A 65 19.04 5.65 9.81
N GLY A 66 18.43 6.25 10.83
CA GLY A 66 17.60 7.43 10.63
C GLY A 66 16.12 7.10 10.77
N SER A 67 15.35 8.17 10.88
CA SER A 67 13.91 8.01 11.09
C SER A 67 13.25 9.37 11.00
N GLY A 68 11.97 9.36 10.64
CA GLY A 68 11.23 10.60 10.51
C GLY A 68 11.28 11.18 9.12
N THR A 69 12.15 12.16 8.92
CA THR A 69 12.34 12.78 7.62
C THR A 69 13.77 12.70 7.13
N GLU A 70 14.67 12.06 7.87
CA GLU A 70 16.09 12.04 7.56
C GLU A 70 16.63 10.64 7.79
N PHE A 71 17.39 10.13 6.83
CA PHE A 71 17.96 8.79 6.91
C PHE A 71 19.38 8.82 6.36
N THR A 72 20.15 7.80 6.71
CA THR A 72 21.55 7.73 6.32
C THR A 72 21.96 6.29 6.10
N LEU A 73 22.77 6.09 5.07
CA LEU A 73 23.40 4.81 4.77
C LEU A 73 24.90 4.95 4.98
N THR A 74 25.51 3.91 5.54
CA THR A 74 26.92 3.95 5.86
C THR A 74 27.57 2.66 5.44
N ILE A 75 28.74 2.78 4.82
CA ILE A 75 29.50 1.64 4.33
C ILE A 75 30.80 1.58 5.13
N SER A 76 31.12 0.38 5.61
CA SER A 76 32.27 0.21 6.50
C SER A 76 33.59 0.36 5.75
N SER A 77 33.81 -0.47 4.74
CA SER A 77 35.09 -0.54 4.03
C SER A 77 34.78 -0.74 2.56
N LEU A 78 34.88 0.33 1.78
CA LEU A 78 34.59 0.23 0.36
C LEU A 78 35.60 -0.68 -0.32
N GLN A 79 35.10 -1.70 -1.01
CA GLN A 79 35.91 -2.51 -1.89
C GLN A 79 35.83 -1.96 -3.31
N SER A 80 36.69 -2.49 -4.18
CA SER A 80 36.84 -1.91 -5.50
C SER A 80 35.54 -1.91 -6.30
N GLU A 81 34.66 -2.87 -6.04
CA GLU A 81 33.42 -3.02 -6.80
C GLU A 81 32.25 -2.23 -6.26
N ASP A 82 32.43 -1.49 -5.15
CA ASP A 82 31.32 -0.73 -4.58
C ASP A 82 30.90 0.46 -5.43
N SER A 83 31.68 0.82 -6.44
CA SER A 83 31.33 1.98 -7.26
C SER A 83 30.03 1.71 -8.01
N ALA A 84 29.01 2.50 -7.73
CA ALA A 84 27.71 2.30 -8.34
C ALA A 84 26.84 3.50 -8.00
N VAL A 85 25.58 3.43 -8.41
CA VAL A 85 24.61 4.47 -8.07
C VAL A 85 23.69 3.93 -7.01
N TYR A 86 23.25 4.81 -6.11
CA TYR A 86 22.38 4.35 -4.98
C TYR A 86 21.13 5.24 -4.90
N TYR A 87 19.99 4.64 -4.57
CA TYR A 87 18.71 5.40 -4.51
C TYR A 87 17.93 5.03 -3.25
N CYS A 88 17.31 6.02 -2.60
CA CYS A 88 16.48 5.73 -1.40
C CYS A 88 15.00 5.77 -1.79
N GLN A 89 14.28 4.65 -1.63
CA GLN A 89 12.86 4.59 -2.06
C GLN A 89 11.96 4.58 -0.82
N GLN A 90 10.99 5.51 -0.75
CA GLN A 90 10.05 5.55 0.39
C GLN A 90 8.71 4.94 -0.05
N TYR A 91 7.97 4.46 0.92
CA TYR A 91 6.76 3.73 0.56
C TYR A 91 5.77 3.84 1.68
N ASN A 92 5.39 5.05 2.06
CA ASN A 92 4.49 5.28 3.20
C ASN A 92 3.06 5.00 2.76
N ASN A 93 2.83 4.80 1.47
CA ASN A 93 1.47 4.62 1.02
C ASN A 93 1.21 3.35 0.35
N TRP A 94 2.15 2.43 0.43
CA TRP A 94 2.16 1.13 -0.25
C TRP A 94 1.14 0.91 -1.34
N PRO A 95 0.04 0.20 -1.16
CA PRO A 95 -0.81 0.04 -2.34
C PRO A 95 -1.40 1.32 -2.84
N PRO A 96 -1.32 1.57 -4.12
CA PRO A 96 -0.28 1.75 -5.14
C PRO A 96 0.52 3.05 -4.97
N GLY A 97 1.80 2.96 -4.58
CA GLY A 97 2.63 4.13 -4.40
C GLY A 97 4.09 3.88 -4.02
N TYR A 98 4.97 4.77 -4.49
CA TYR A 98 6.40 4.69 -4.26
C TYR A 98 6.88 6.03 -4.75
N THR A 99 7.90 6.53 -4.14
CA THR A 99 8.52 7.78 -4.56
C THR A 99 10.01 7.67 -4.37
N PHE A 100 10.81 7.83 -5.39
CA PHE A 100 12.26 7.58 -5.62
C PHE A 100 13.05 8.86 -5.30
N GLY A 101 14.38 8.78 -5.36
CA GLY A 101 15.23 9.98 -5.15
C GLY A 101 15.95 10.38 -6.42
N GLN A 102 16.92 11.29 -6.36
CA GLN A 102 17.68 11.62 -7.55
C GLN A 102 18.89 10.72 -7.78
N GLY A 103 19.24 9.85 -6.84
CA GLY A 103 20.38 8.99 -7.03
C GLY A 103 21.69 9.64 -6.66
N THR A 104 22.67 8.79 -6.35
CA THR A 104 24.00 9.25 -5.95
C THR A 104 25.04 8.36 -6.60
N LYS A 105 26.09 8.96 -7.15
CA LYS A 105 27.15 8.23 -7.84
C LYS A 105 28.35 8.10 -6.92
N LEU A 106 28.73 6.88 -6.58
CA LEU A 106 29.85 6.65 -5.68
C LEU A 106 30.94 5.89 -6.42
N GLU A 107 32.17 6.36 -6.28
CA GLU A 107 33.34 5.79 -6.96
C GLU A 107 34.44 5.69 -5.93
N ILE A 108 35.64 5.32 -6.36
CA ILE A 108 36.75 5.13 -5.45
C ILE A 108 38.02 5.75 -6.00
N LYS A 109 38.65 6.61 -5.21
CA LYS A 109 39.95 7.20 -5.54
C LYS A 109 40.01 7.74 -6.97
N GLU B 1 16.42 -20.22 -12.20
CA GLU B 1 16.37 -19.50 -10.93
C GLU B 1 15.19 -18.53 -10.91
N VAL B 2 14.80 -18.09 -9.72
CA VAL B 2 13.76 -17.07 -9.61
C VAL B 2 14.16 -15.84 -10.40
N GLN B 3 13.27 -15.40 -11.29
CA GLN B 3 13.64 -14.38 -12.26
C GLN B 3 12.40 -13.77 -12.87
N LEU B 4 12.59 -12.60 -13.49
CA LEU B 4 11.59 -11.98 -14.34
C LEU B 4 12.27 -11.54 -15.62
N VAL B 5 11.83 -12.06 -16.75
CA VAL B 5 12.42 -11.77 -18.06
C VAL B 5 11.40 -10.98 -18.90
N GLU B 6 11.90 -10.01 -19.66
CA GLU B 6 11.00 -9.07 -20.32
C GLU B 6 11.15 -9.15 -21.84
N SER B 7 10.12 -8.68 -22.53
CA SER B 7 10.10 -8.62 -23.98
C SER B 7 9.13 -7.52 -24.42
N GLY B 8 9.16 -7.18 -25.71
CA GLY B 8 8.38 -6.09 -26.23
C GLY B 8 9.14 -4.80 -26.47
N GLY B 9 10.33 -4.68 -25.89
CA GLY B 9 11.12 -3.47 -26.06
C GLY B 9 11.48 -3.23 -27.52
N GLY B 10 11.47 -1.97 -27.93
CA GLY B 10 11.82 -1.65 -29.30
C GLY B 10 11.58 -0.18 -29.62
N LEU B 11 11.20 0.07 -30.87
CA LEU B 11 10.96 1.42 -31.35
C LEU B 11 9.64 1.49 -32.08
N VAL B 12 8.90 2.58 -31.86
CA VAL B 12 7.62 2.79 -32.51
C VAL B 12 7.39 4.28 -32.72
N GLN B 13 6.66 4.63 -33.78
CA GLN B 13 6.43 6.02 -34.12
C GLN B 13 5.45 6.64 -33.12
N PRO B 14 5.56 7.95 -32.84
CA PRO B 14 4.67 8.56 -31.85
C PRO B 14 3.21 8.27 -32.14
N GLY B 15 2.36 8.30 -31.14
CA GLY B 15 0.97 7.93 -31.33
C GLY B 15 0.71 6.46 -31.55
N GLY B 16 1.75 5.69 -31.85
CA GLY B 16 1.58 4.27 -32.05
C GLY B 16 1.36 3.57 -30.73
N SER B 17 1.15 2.26 -30.81
CA SER B 17 0.93 1.43 -29.63
C SER B 17 2.09 0.47 -29.44
N LEU B 18 2.07 -0.22 -28.30
CA LEU B 18 3.10 -1.20 -28.01
C LEU B 18 2.61 -2.04 -26.84
N ARG B 19 3.26 -3.19 -26.63
CA ARG B 19 2.88 -4.06 -25.52
C ARG B 19 4.14 -4.69 -24.95
N LEU B 20 4.39 -4.48 -23.66
CA LEU B 20 5.50 -5.10 -22.95
C LEU B 20 5.02 -6.34 -22.20
N SER B 21 5.85 -7.38 -22.19
CA SER B 21 5.47 -8.64 -21.58
C SER B 21 6.55 -9.11 -20.61
N CYS B 22 6.12 -9.81 -19.55
CA CYS B 22 7.01 -10.19 -18.47
C CYS B 22 6.70 -11.64 -18.07
N ALA B 23 7.70 -12.50 -18.16
CA ALA B 23 7.59 -13.91 -17.83
C ALA B 23 8.37 -14.20 -16.55
N ALA B 24 7.88 -15.14 -15.74
CA ALA B 24 8.55 -15.34 -14.43
C ALA B 24 8.86 -16.82 -14.18
N SER B 25 9.60 -17.12 -13.11
CA SER B 25 10.01 -18.53 -12.87
C SER B 25 10.30 -18.76 -11.39
N GLU B 26 9.94 -19.94 -10.86
CA GLU B 26 10.20 -20.28 -9.43
C GLU B 26 9.40 -19.33 -8.53
N ILE B 27 8.64 -18.41 -9.12
CA ILE B 27 7.78 -17.48 -8.31
C ILE B 27 6.49 -17.21 -9.10
N THR B 28 5.37 -17.08 -8.41
CA THR B 28 4.07 -16.80 -9.08
C THR B 28 3.88 -15.30 -9.23
N VAL B 29 3.05 -14.86 -10.18
CA VAL B 29 2.74 -13.41 -10.34
C VAL B 29 1.26 -13.17 -10.02
N SER B 30 0.38 -14.09 -10.43
CA SER B 30 -1.08 -13.92 -10.21
C SER B 30 -1.35 -13.53 -8.75
N ARG B 31 -0.65 -14.16 -7.80
CA ARG B 31 -0.90 -13.90 -6.35
C ARG B 31 0.19 -12.97 -5.81
N ASN B 32 0.94 -12.32 -6.70
CA ASN B 32 2.07 -11.44 -6.26
C ASN B 32 1.81 -10.01 -6.70
N TYR B 33 1.94 -9.04 -5.82
CA TYR B 33 1.76 -7.66 -6.19
C TYR B 33 2.77 -7.31 -7.24
N MET B 34 2.43 -7.10 -8.49
CA MET B 34 3.37 -6.80 -9.61
C MET B 34 3.41 -5.29 -9.83
N SER B 35 4.58 -4.76 -10.23
CA SER B 35 4.72 -3.29 -10.42
C SER B 35 5.69 -2.98 -11.56
N TRP B 36 5.25 -2.25 -12.57
CA TRP B 36 6.12 -1.85 -13.67
C TRP B 36 6.66 -0.46 -13.38
N VAL B 37 7.98 -0.33 -13.45
CA VAL B 37 8.71 0.90 -13.18
C VAL B 37 9.42 1.29 -14.47
N ARG B 38 9.79 2.56 -14.60
CA ARG B 38 10.53 2.96 -15.78
C ARG B 38 11.59 4.00 -15.42
N GLN B 39 12.55 4.17 -16.33
CA GLN B 39 13.69 5.05 -16.12
C GLN B 39 14.00 5.75 -17.43
N ALA B 40 13.97 7.06 -17.40
CA ALA B 40 14.43 7.88 -18.51
C ALA B 40 15.96 7.91 -18.54
N PRO B 41 16.56 7.94 -19.73
CA PRO B 41 18.03 7.93 -19.82
C PRO B 41 18.66 9.05 -19.01
N GLY B 42 19.40 8.66 -17.97
CA GLY B 42 20.10 9.62 -17.15
C GLY B 42 19.35 10.11 -15.93
N LYS B 43 18.06 9.84 -15.82
CA LYS B 43 17.26 10.36 -14.72
C LYS B 43 17.01 9.27 -13.69
N GLY B 44 16.21 9.62 -12.69
CA GLY B 44 15.85 8.70 -11.62
C GLY B 44 14.86 7.67 -12.10
N LEU B 45 14.02 7.15 -11.20
CA LEU B 45 13.03 6.16 -11.58
C LEU B 45 11.65 6.67 -11.18
N GLU B 46 10.63 6.06 -11.75
CA GLU B 46 9.26 6.47 -11.42
C GLU B 46 8.32 5.28 -11.55
N TRP B 47 7.50 5.07 -10.52
CA TRP B 47 6.49 4.04 -10.56
C TRP B 47 5.44 4.29 -11.63
N VAL B 48 5.29 3.34 -12.55
CA VAL B 48 4.37 3.48 -13.68
C VAL B 48 3.03 2.80 -13.40
N SER B 49 3.04 1.56 -12.93
CA SER B 49 1.75 0.87 -12.76
C SER B 49 1.88 -0.28 -11.77
N VAL B 50 0.73 -0.78 -11.33
CA VAL B 50 0.67 -1.89 -10.39
C VAL B 50 -0.64 -2.65 -10.59
N MET B 51 -0.56 -3.97 -10.48
CA MET B 51 -1.76 -4.80 -10.46
C MET B 51 -1.71 -5.65 -9.22
N PHE B 52 -2.87 -5.82 -8.57
CA PHE B 52 -2.98 -6.51 -7.30
C PHE B 52 -3.17 -8.01 -7.51
N ALA B 53 -3.52 -8.71 -6.44
CA ALA B 53 -3.84 -10.12 -6.49
C ALA B 53 -5.33 -10.41 -6.67
N GLY B 54 -6.17 -9.38 -6.62
CA GLY B 54 -7.58 -9.55 -6.90
C GLY B 54 -8.00 -9.00 -8.24
N GLY B 55 -7.11 -8.23 -8.88
CA GLY B 55 -7.35 -7.70 -10.21
C GLY B 55 -7.48 -6.19 -10.26
N SER B 56 -7.82 -5.56 -9.14
CA SER B 56 -8.00 -4.12 -9.10
C SER B 56 -6.65 -3.44 -9.33
N THR B 57 -6.45 -2.86 -10.51
CA THR B 57 -5.15 -2.28 -10.85
C THR B 57 -5.14 -0.79 -10.61
N PHE B 58 -3.95 -0.20 -10.73
CA PHE B 58 -3.77 1.24 -10.58
C PHE B 58 -2.60 1.71 -11.42
N TYR B 59 -2.65 2.99 -11.78
CA TYR B 59 -1.67 3.60 -12.66
C TYR B 59 -1.30 4.97 -12.10
N ALA B 60 -0.10 5.42 -12.46
CA ALA B 60 0.31 6.77 -12.10
C ALA B 60 -0.52 7.79 -12.86
N ASP B 61 -0.44 9.04 -12.40
CA ASP B 61 -1.22 10.10 -13.03
C ASP B 61 -0.63 10.49 -14.38
N SER B 62 0.69 10.51 -14.50
CA SER B 62 1.33 10.94 -15.73
C SER B 62 0.93 10.07 -16.90
N VAL B 63 0.61 8.80 -16.65
CA VAL B 63 0.18 7.87 -17.68
C VAL B 63 -1.25 7.40 -17.46
N LYS B 64 -2.01 8.06 -16.60
CA LYS B 64 -3.39 7.64 -16.33
C LYS B 64 -4.25 7.80 -17.56
N GLY B 65 -5.13 6.83 -17.79
CA GLY B 65 -6.04 6.87 -18.92
C GLY B 65 -5.47 6.36 -20.22
N ARG B 66 -4.18 6.06 -20.29
CA ARG B 66 -3.58 5.61 -21.54
C ARG B 66 -3.00 4.21 -21.50
N PHE B 67 -2.54 3.73 -20.34
CA PHE B 67 -1.86 2.44 -20.26
C PHE B 67 -2.75 1.47 -19.48
N THR B 68 -2.63 0.18 -19.79
CA THR B 68 -3.50 -0.81 -19.19
C THR B 68 -2.75 -2.10 -18.91
N ILE B 69 -2.72 -2.51 -17.65
CA ILE B 69 -1.96 -3.68 -17.25
C ILE B 69 -2.90 -4.88 -17.28
N SER B 70 -2.36 -6.03 -17.68
CA SER B 70 -3.13 -7.30 -17.71
C SER B 70 -2.13 -8.45 -17.57
N ARG B 71 -2.59 -9.67 -17.28
CA ARG B 71 -1.62 -10.78 -17.05
C ARG B 71 -2.24 -12.13 -17.38
N ASP B 72 -1.54 -12.96 -18.16
CA ASP B 72 -2.05 -14.32 -18.47
C ASP B 72 -1.71 -15.23 -17.29
N ASN B 73 -2.57 -15.29 -16.28
CA ASN B 73 -2.28 -16.09 -15.10
C ASN B 73 -2.09 -17.56 -15.45
N SER B 74 -2.84 -18.06 -16.45
CA SER B 74 -2.79 -19.47 -16.80
C SER B 74 -1.37 -19.96 -17.04
N LYS B 75 -0.52 -19.11 -17.60
CA LYS B 75 0.87 -19.47 -17.88
C LYS B 75 1.84 -18.55 -17.17
N ASN B 76 1.39 -17.91 -16.09
CA ASN B 76 2.27 -17.22 -15.16
C ASN B 76 3.00 -16.07 -15.86
N THR B 77 2.24 -15.07 -16.31
CA THR B 77 2.91 -13.97 -16.99
C THR B 77 2.08 -12.70 -16.87
N LEU B 78 2.75 -11.57 -17.08
CA LEU B 78 2.19 -10.24 -16.98
C LEU B 78 2.33 -9.51 -18.30
N TYR B 79 1.49 -8.50 -18.51
CA TYR B 79 1.50 -7.73 -19.74
C TYR B 79 1.13 -6.29 -19.41
N LEU B 80 1.60 -5.39 -20.25
CA LEU B 80 1.26 -3.98 -20.14
C LEU B 80 1.10 -3.43 -21.54
N GLN B 81 -0.13 -3.03 -21.88
CA GLN B 81 -0.41 -2.38 -23.15
C GLN B 81 -0.25 -0.88 -22.99
N MET B 82 0.46 -0.27 -23.91
CA MET B 82 0.64 1.16 -23.99
C MET B 82 0.11 1.63 -25.33
N ASN B 83 -0.38 2.85 -25.38
CA ASN B 83 -0.77 3.41 -26.65
C ASN B 83 -0.43 4.90 -26.65
N SER B 84 -0.50 5.49 -27.83
CA SER B 84 -0.29 6.93 -28.02
C SER B 84 1.01 7.37 -27.32
N LEU B 85 2.09 6.64 -27.61
CA LEU B 85 3.39 6.98 -27.04
C LEU B 85 3.86 8.32 -27.59
N ARG B 86 4.06 9.27 -26.69
CA ARG B 86 4.56 10.58 -27.08
C ARG B 86 6.04 10.68 -26.72
N ALA B 87 6.61 11.87 -26.93
CA ALA B 87 8.05 12.06 -26.80
C ALA B 87 8.59 11.73 -25.42
N GLU B 88 7.77 11.79 -24.37
CA GLU B 88 8.28 11.55 -23.02
C GLU B 88 8.55 10.07 -22.76
N ASP B 89 7.68 9.19 -23.23
CA ASP B 89 7.62 7.80 -22.82
C ASP B 89 8.83 6.96 -23.21
N THR B 90 9.83 7.52 -23.89
CA THR B 90 11.05 6.77 -24.21
C THR B 90 11.87 6.49 -22.96
N ALA B 91 11.88 5.24 -22.51
CA ALA B 91 12.49 4.87 -21.25
C ALA B 91 12.72 3.37 -21.21
N VAL B 92 13.47 2.93 -20.22
CA VAL B 92 13.70 1.50 -19.98
C VAL B 92 12.75 1.05 -18.89
N TYR B 93 12.03 -0.04 -19.15
CA TYR B 93 10.95 -0.50 -18.28
C TYR B 93 11.36 -1.77 -17.55
N TYR B 94 11.08 -1.82 -16.26
CA TYR B 94 11.44 -2.90 -15.36
C TYR B 94 10.19 -3.54 -14.78
N CYS B 95 10.16 -4.85 -14.49
CA CYS B 95 9.00 -5.57 -13.90
C CYS B 95 9.33 -5.92 -12.46
N ALA B 96 8.41 -5.78 -11.51
CA ALA B 96 8.83 -6.01 -10.10
C ALA B 96 7.72 -6.63 -9.25
N ARG B 97 8.12 -7.34 -8.19
CA ARG B 97 7.20 -7.99 -7.25
C ARG B 97 7.43 -7.37 -5.90
N ASP B 98 6.55 -6.47 -5.47
CA ASP B 98 6.84 -5.73 -4.21
C ASP B 98 6.04 -6.30 -3.03
N LEU B 99 6.70 -6.53 -1.89
CA LEU B 99 5.98 -6.96 -0.67
C LEU B 99 5.70 -5.79 0.26
N GLY B 100 6.64 -4.85 0.43
CA GLY B 100 6.37 -3.65 1.23
C GLY B 100 6.98 -3.71 2.62
N VAL B 101 6.17 -3.47 3.66
CA VAL B 101 6.69 -3.46 5.06
C VAL B 101 7.31 -4.82 5.38
N VAL B 102 6.81 -5.88 4.75
CA VAL B 102 7.39 -7.24 4.93
C VAL B 102 8.31 -7.53 3.73
N GLY B 103 9.43 -6.83 3.62
CA GLY B 103 10.33 -6.99 2.45
C GLY B 103 9.97 -5.98 1.37
N ALA B 104 10.87 -5.02 1.10
CA ALA B 104 10.55 -3.98 0.14
C ALA B 104 10.81 -4.56 -1.22
N THR B 105 10.44 -3.86 -2.27
CA THR B 105 10.61 -4.44 -3.63
C THR B 105 11.97 -5.15 -3.71
N ASP B 106 12.00 -6.37 -4.24
CA ASP B 106 13.26 -7.15 -4.31
C ASP B 106 13.54 -7.69 -5.71
N TYR B 107 12.72 -8.60 -6.25
CA TYR B 107 12.96 -9.24 -7.57
C TYR B 107 12.58 -8.36 -8.75
N TRP B 108 13.51 -8.08 -9.65
CA TRP B 108 13.30 -7.09 -10.74
C TRP B 108 13.59 -7.70 -12.10
N GLY B 109 13.33 -6.99 -13.20
CA GLY B 109 13.51 -7.59 -14.53
C GLY B 109 14.74 -7.04 -15.24
N GLN B 110 15.28 -7.78 -16.21
CA GLN B 110 16.44 -7.32 -16.95
C GLN B 110 16.20 -5.95 -17.58
N GLY B 111 14.94 -5.56 -17.73
CA GLY B 111 14.57 -4.31 -18.34
C GLY B 111 14.31 -4.44 -19.83
N THR B 112 13.78 -3.36 -20.40
CA THR B 112 13.46 -3.35 -21.82
C THR B 112 13.41 -1.92 -22.31
N LEU B 113 14.19 -1.60 -23.33
CA LEU B 113 14.24 -0.25 -23.85
C LEU B 113 13.02 0.00 -24.74
N VAL B 114 12.47 1.20 -24.62
CA VAL B 114 11.34 1.66 -25.42
C VAL B 114 11.70 3.06 -25.88
N THR B 115 12.10 3.19 -27.14
CA THR B 115 12.28 4.51 -27.73
C THR B 115 11.31 4.71 -28.88
N VAL B 116 11.26 5.97 -29.32
CA VAL B 116 10.36 6.39 -30.38
C VAL B 116 11.18 6.80 -31.61
N SER B 117 10.47 7.01 -32.72
CA SER B 117 11.11 7.42 -33.97
C SER B 117 12.04 8.61 -33.78
N SER B 118 11.63 9.60 -33.01
CA SER B 118 12.47 10.77 -32.80
C SER B 118 12.15 11.48 -31.49
N ASN C 334 -36.58 4.37 26.33
CA ASN C 334 -36.66 3.25 25.40
C ASN C 334 -35.63 3.42 24.29
N LEU C 335 -34.66 4.28 24.56
CA LEU C 335 -33.65 4.63 23.56
C LEU C 335 -32.69 3.47 23.32
N CYS C 336 -32.18 3.37 22.09
CA CYS C 336 -31.24 2.27 21.73
C CYS C 336 -29.87 2.53 22.39
N PRO C 337 -28.98 1.52 22.47
CA PRO C 337 -27.68 1.68 23.15
C PRO C 337 -26.59 2.25 22.23
N PHE C 338 -26.99 2.90 21.13
CA PHE C 338 -26.02 3.52 20.19
C PHE C 338 -24.98 4.31 20.97
N ASP C 339 -25.42 5.07 21.98
CA ASP C 339 -24.49 5.88 22.81
C ASP C 339 -23.28 5.02 23.17
N GLU C 340 -23.49 3.97 23.96
CA GLU C 340 -22.38 3.05 24.34
C GLU C 340 -21.63 2.63 23.07
N VAL C 341 -22.34 2.06 22.10
CA VAL C 341 -21.69 1.54 20.86
C VAL C 341 -20.54 2.45 20.44
N PHE C 342 -20.79 3.75 20.34
CA PHE C 342 -19.74 4.68 19.82
C PHE C 342 -18.79 5.11 20.93
N ASN C 343 -19.22 5.09 22.19
CA ASN C 343 -18.36 5.64 23.23
C ASN C 343 -17.71 4.55 24.09
N ALA C 344 -17.89 3.28 23.74
CA ALA C 344 -17.28 2.20 24.53
C ALA C 344 -15.76 2.19 24.48
N THR C 345 -15.15 2.83 23.47
CA THR C 345 -13.69 2.98 23.38
C THR C 345 -12.98 1.66 23.67
N ARG C 346 -13.40 0.62 22.95
CA ARG C 346 -12.73 -0.68 22.96
C ARG C 346 -12.54 -1.24 21.56
N PHE C 347 -12.84 -0.46 20.52
CA PHE C 347 -12.91 -0.92 19.14
C PHE C 347 -11.75 -1.85 18.79
N ALA C 348 -12.08 -2.95 18.11
CA ALA C 348 -11.13 -4.06 18.02
C ALA C 348 -10.13 -3.86 16.89
N SER C 349 -10.59 -3.91 15.65
CA SER C 349 -9.74 -3.94 14.47
C SER C 349 -10.62 -3.85 13.24
N VAL C 350 -10.01 -3.47 12.11
CA VAL C 350 -10.71 -3.60 10.84
C VAL C 350 -10.68 -5.07 10.41
N TYR C 351 -9.67 -5.78 10.86
CA TYR C 351 -9.56 -7.23 10.78
C TYR C 351 -10.60 -7.88 11.67
N ALA C 352 -11.62 -8.52 11.07
CA ALA C 352 -12.72 -9.10 11.85
C ALA C 352 -13.42 -8.03 12.68
N TRP C 353 -14.11 -7.13 11.96
CA TRP C 353 -14.66 -5.94 12.57
C TRP C 353 -15.69 -6.33 13.63
N ASN C 354 -16.19 -5.33 14.36
CA ASN C 354 -17.14 -5.62 15.42
C ASN C 354 -18.53 -5.24 14.95
N ARG C 355 -19.53 -6.01 15.38
CA ARG C 355 -20.88 -5.81 14.87
C ARG C 355 -21.88 -5.81 16.03
N LYS C 356 -23.06 -5.27 15.75
CA LYS C 356 -24.18 -5.36 16.68
C LYS C 356 -25.48 -5.29 15.90
N ARG C 357 -26.46 -6.10 16.29
CA ARG C 357 -27.76 -6.18 15.60
C ARG C 357 -28.80 -5.49 16.49
N ILE C 358 -29.07 -4.22 16.18
CA ILE C 358 -30.02 -3.40 16.94
C ILE C 358 -31.46 -3.72 16.51
N SER C 359 -32.36 -3.80 17.48
CA SER C 359 -33.78 -3.96 17.19
C SER C 359 -34.64 -3.58 18.39
N ASN C 360 -35.90 -3.24 18.11
CA ASN C 360 -36.90 -2.92 19.14
C ASN C 360 -36.49 -1.77 20.06
N CYS C 361 -36.42 -0.57 19.49
CA CYS C 361 -36.16 0.62 20.29
C CYS C 361 -36.57 1.85 19.49
N VAL C 362 -36.43 3.01 20.12
CA VAL C 362 -36.70 4.29 19.49
C VAL C 362 -35.36 5.00 19.25
N ALA C 363 -34.92 5.00 18.00
CA ALA C 363 -33.62 5.56 17.61
C ALA C 363 -33.73 7.08 17.59
N ASP C 364 -33.21 7.73 18.61
CA ASP C 364 -33.27 9.19 18.72
C ASP C 364 -32.52 9.89 17.60
N TYR C 365 -31.20 9.72 17.54
CA TYR C 365 -30.24 10.31 16.60
C TYR C 365 -29.85 11.72 17.01
N SER C 366 -30.53 12.33 17.99
CA SER C 366 -30.21 13.69 18.40
C SER C 366 -28.72 13.94 18.60
N VAL C 367 -27.96 12.89 18.96
CA VAL C 367 -26.53 13.01 19.18
C VAL C 367 -25.78 12.52 17.95
N LEU C 368 -26.34 11.51 17.28
CA LEU C 368 -25.70 10.93 16.11
C LEU C 368 -25.47 12.01 15.07
N TYR C 369 -24.23 12.12 14.60
CA TYR C 369 -23.82 13.11 13.60
C TYR C 369 -24.09 14.54 14.06
N ASN C 370 -24.39 14.74 15.35
CA ASN C 370 -24.58 16.07 15.91
C ASN C 370 -23.69 16.31 17.11
N PHE C 371 -23.05 15.28 17.66
CA PHE C 371 -22.03 15.46 18.67
C PHE C 371 -20.88 16.26 18.04
N ALA C 372 -20.02 16.83 18.89
CA ALA C 372 -19.02 17.76 18.35
C ALA C 372 -17.78 17.13 17.71
N PRO C 373 -17.10 16.15 18.31
CA PRO C 373 -15.80 15.75 17.78
C PRO C 373 -15.86 14.78 16.62
N PHE C 374 -17.04 14.54 16.04
CA PHE C 374 -17.11 13.73 14.83
C PHE C 374 -16.42 14.42 13.67
N PHE C 375 -15.63 13.66 12.91
CA PHE C 375 -14.87 14.30 11.84
C PHE C 375 -15.62 14.21 10.51
N ALA C 376 -16.08 13.02 10.15
CA ALA C 376 -16.75 12.83 8.86
C ALA C 376 -17.96 11.95 9.06
N PHE C 377 -19.11 12.39 8.56
CA PHE C 377 -20.29 11.54 8.55
C PHE C 377 -21.04 11.75 7.25
N LYS C 378 -21.48 10.65 6.63
CA LYS C 378 -22.08 10.76 5.31
C LYS C 378 -22.90 9.51 5.01
N CYS C 379 -24.16 9.72 4.62
CA CYS C 379 -25.02 8.64 4.16
C CYS C 379 -25.56 8.81 2.75
N TYR C 380 -25.74 7.66 2.11
CA TYR C 380 -26.23 7.59 0.75
C TYR C 380 -27.60 6.94 0.74
N GLY C 381 -28.54 7.61 0.07
CA GLY C 381 -29.90 7.19 -0.05
C GLY C 381 -30.84 7.88 0.92
N VAL C 382 -30.34 8.25 2.09
CA VAL C 382 -31.17 8.86 3.13
C VAL C 382 -30.52 10.13 3.63
N SER C 383 -31.32 11.17 3.82
CA SER C 383 -30.89 12.41 4.44
C SER C 383 -30.86 12.23 5.96
N PRO C 384 -29.93 12.91 6.64
CA PRO C 384 -29.83 12.72 8.11
C PRO C 384 -31.12 13.02 8.84
N THR C 385 -31.76 14.16 8.58
CA THR C 385 -32.98 14.51 9.32
C THR C 385 -34.14 13.61 8.93
N LYS C 386 -34.35 13.42 7.63
CA LYS C 386 -35.31 12.42 7.18
C LYS C 386 -35.05 11.08 7.87
N LEU C 387 -33.78 10.66 7.90
CA LEU C 387 -33.38 9.48 8.66
C LEU C 387 -33.92 9.56 10.09
N ASN C 388 -33.72 10.72 10.74
CA ASN C 388 -34.21 10.91 12.10
C ASN C 388 -35.71 10.74 12.17
N ASP C 389 -36.37 10.85 11.01
CA ASP C 389 -37.82 10.56 10.95
C ASP C 389 -37.97 9.26 10.15
N LEU C 390 -36.85 8.72 9.66
CA LEU C 390 -36.87 7.44 8.88
C LEU C 390 -37.06 6.29 9.86
N CYS C 391 -37.48 5.13 9.37
CA CYS C 391 -37.83 4.01 10.30
C CYS C 391 -37.47 2.68 9.58
N PHE C 392 -37.08 1.59 10.28
CA PHE C 392 -36.53 0.40 9.64
C PHE C 392 -36.92 -0.89 10.38
N THR C 393 -36.60 -2.04 9.75
CA THR C 393 -36.88 -3.36 10.30
C THR C 393 -35.80 -3.82 11.28
N ASN C 394 -34.53 -3.68 10.94
CA ASN C 394 -33.48 -4.03 11.88
C ASN C 394 -32.30 -3.11 11.60
N VAL C 395 -31.32 -3.14 12.48
CA VAL C 395 -30.13 -2.31 12.28
C VAL C 395 -28.88 -3.16 12.44
N TYR C 396 -27.86 -2.82 11.65
CA TYR C 396 -26.54 -3.42 11.79
C TYR C 396 -25.50 -2.33 11.98
N ALA C 397 -24.80 -2.37 13.11
CA ALA C 397 -23.72 -1.43 13.38
C ALA C 397 -22.42 -2.21 13.21
N ASP C 398 -21.47 -1.61 12.52
CA ASP C 398 -20.18 -2.26 12.24
C ASP C 398 -19.04 -1.28 12.54
N SER C 399 -18.49 -1.38 13.74
CA SER C 399 -17.39 -0.51 14.12
C SER C 399 -16.04 -1.15 13.82
N PHE C 400 -15.05 -0.31 13.50
CA PHE C 400 -13.68 -0.77 13.26
C PHE C 400 -12.74 0.44 13.30
N VAL C 401 -11.44 0.16 13.16
CA VAL C 401 -10.38 1.17 13.21
C VAL C 401 -9.52 1.10 11.95
N ILE C 402 -9.34 2.24 11.28
CA ILE C 402 -8.51 2.28 10.08
C ILE C 402 -7.57 3.47 10.17
N ARG C 403 -6.61 3.50 9.26
CA ARG C 403 -5.67 4.62 9.14
C ARG C 403 -6.32 5.78 8.42
N GLY C 404 -6.04 7.00 8.89
CA GLY C 404 -6.76 8.17 8.41
C GLY C 404 -6.75 8.33 6.90
N ASN C 405 -5.61 8.06 6.26
CA ASN C 405 -5.57 8.25 4.82
C ASN C 405 -6.39 7.21 4.06
N GLU C 406 -7.01 6.25 4.72
CA GLU C 406 -7.77 5.21 4.04
C GLU C 406 -9.26 5.30 4.29
N VAL C 407 -9.73 6.35 4.96
CA VAL C 407 -11.17 6.47 5.20
C VAL C 407 -11.91 6.67 3.89
N SER C 408 -11.28 7.32 2.92
CA SER C 408 -11.88 7.52 1.60
C SER C 408 -12.15 6.22 0.87
N GLN C 409 -11.62 5.10 1.34
CA GLN C 409 -11.84 3.83 0.67
C GLN C 409 -13.08 3.12 1.15
N ILE C 410 -13.64 3.52 2.29
CA ILE C 410 -14.91 2.96 2.73
C ILE C 410 -16.02 3.72 2.01
N ALA C 411 -16.51 3.16 0.90
CA ALA C 411 -17.50 3.79 0.05
C ALA C 411 -18.06 2.72 -0.87
N PRO C 412 -19.22 2.96 -1.49
CA PRO C 412 -19.80 1.92 -2.36
C PRO C 412 -18.89 1.60 -3.53
N GLY C 413 -18.39 0.37 -3.55
CA GLY C 413 -17.53 -0.16 -4.59
C GLY C 413 -16.16 0.47 -4.70
N GLN C 414 -15.83 1.42 -3.83
CA GLN C 414 -14.49 2.02 -3.81
C GLN C 414 -13.42 0.95 -3.81
N THR C 415 -12.32 1.21 -4.51
CA THR C 415 -11.26 0.23 -4.69
C THR C 415 -9.96 0.71 -4.03
N GLY C 416 -9.28 -0.22 -3.36
CA GLY C 416 -8.00 0.04 -2.73
C GLY C 416 -7.45 -1.23 -2.10
N ASN C 417 -6.90 -1.14 -0.89
CA ASN C 417 -6.52 -2.34 -0.15
C ASN C 417 -7.54 -2.70 0.91
N ILE C 418 -7.81 -1.77 1.83
CA ILE C 418 -8.72 -2.05 2.94
C ILE C 418 -10.12 -2.37 2.43
N ALA C 419 -10.46 -1.87 1.24
CA ALA C 419 -11.84 -2.05 0.74
C ALA C 419 -11.90 -3.18 -0.31
N ASP C 420 -10.83 -3.99 -0.41
CA ASP C 420 -10.80 -5.05 -1.46
C ASP C 420 -10.43 -6.39 -0.83
N TYR C 421 -9.62 -6.38 0.24
CA TYR C 421 -9.17 -7.61 0.85
C TYR C 421 -9.54 -7.67 2.32
N ASN C 422 -9.92 -6.54 2.92
CA ASN C 422 -10.21 -6.49 4.35
C ASN C 422 -11.71 -6.43 4.61
N TYR C 423 -12.36 -5.34 4.22
CA TYR C 423 -13.79 -5.16 4.48
C TYR C 423 -14.43 -4.38 3.33
N LYS C 424 -15.40 -4.97 2.64
CA LYS C 424 -15.98 -4.38 1.44
C LYS C 424 -17.49 -4.24 1.57
N LEU C 425 -18.01 -2.98 1.44
CA LEU C 425 -19.44 -2.65 1.49
C LEU C 425 -20.07 -2.71 0.10
N PRO C 426 -21.34 -3.14 0.02
CA PRO C 426 -21.99 -3.37 -1.27
C PRO C 426 -22.17 -2.12 -2.11
N ASP C 427 -22.71 -2.29 -3.31
CA ASP C 427 -22.83 -1.20 -4.26
C ASP C 427 -24.08 -0.37 -4.00
N ASP C 428 -25.17 -1.00 -3.56
CA ASP C 428 -26.43 -0.34 -3.30
C ASP C 428 -26.65 -0.10 -1.80
N PHE C 429 -25.57 0.08 -1.06
CA PHE C 429 -25.65 0.27 0.38
C PHE C 429 -26.24 1.63 0.71
N THR C 430 -27.40 1.65 1.35
CA THR C 430 -28.02 2.88 1.80
C THR C 430 -27.73 3.03 3.29
N GLY C 431 -27.26 4.19 3.70
CA GLY C 431 -26.88 4.37 5.09
C GLY C 431 -25.66 5.26 5.24
N CYS C 432 -25.21 5.51 6.46
CA CYS C 432 -24.07 6.39 6.69
C CYS C 432 -22.96 5.83 7.55
N VAL C 433 -21.78 6.39 7.28
CA VAL C 433 -20.53 6.07 7.94
C VAL C 433 -20.10 7.30 8.70
N ILE C 434 -19.32 7.08 9.77
CA ILE C 434 -18.77 8.17 10.56
C ILE C 434 -17.35 7.81 10.99
N ALA C 435 -16.47 8.82 11.00
CA ALA C 435 -15.05 8.63 11.27
C ALA C 435 -14.51 9.76 12.14
N TRP C 436 -13.72 9.38 13.15
CA TRP C 436 -13.14 10.28 14.15
C TRP C 436 -11.63 10.16 14.08
N ASN C 437 -10.93 11.29 14.16
CA ASN C 437 -9.44 11.26 14.21
C ASN C 437 -8.99 10.93 15.63
N SER C 438 -8.81 9.64 15.93
CA SER C 438 -8.36 9.23 17.30
C SER C 438 -6.85 9.38 17.41
N ASN C 439 -6.34 10.61 17.28
CA ASN C 439 -4.87 10.86 17.33
C ASN C 439 -4.43 10.97 18.80
N LYS C 440 -5.31 10.64 19.74
CA LYS C 440 -4.98 10.72 21.16
C LYS C 440 -5.51 9.53 21.94
N LEU C 441 -6.74 9.10 21.66
CA LEU C 441 -7.41 8.15 22.53
C LEU C 441 -6.79 6.76 22.39
N ASP C 442 -6.37 6.37 21.19
CA ASP C 442 -5.81 5.04 20.98
C ASP C 442 -4.49 5.14 20.23
N SER C 443 -3.41 5.35 20.99
CA SER C 443 -2.04 5.43 20.52
C SER C 443 -1.13 5.40 21.74
N LYS C 444 0.05 4.79 21.58
CA LYS C 444 0.99 4.71 22.69
C LYS C 444 2.39 4.81 22.11
N VAL C 445 3.29 5.48 22.84
CA VAL C 445 4.67 5.58 22.39
C VAL C 445 5.30 4.21 22.20
N GLY C 446 4.82 3.19 22.90
CA GLY C 446 5.38 1.86 22.68
C GLY C 446 4.85 1.20 21.43
N GLY C 447 3.86 1.81 20.81
CA GLY C 447 3.24 1.34 19.59
C GLY C 447 1.92 0.64 19.88
N ASN C 448 0.81 1.35 19.66
CA ASN C 448 -0.53 0.79 19.83
C ASN C 448 -0.85 -0.05 18.61
N TYR C 449 0.05 -1.00 18.30
CA TYR C 449 -0.13 -1.83 17.07
C TYR C 449 -0.71 -3.19 17.44
N ASN C 450 -1.30 -3.31 18.63
CA ASN C 450 -1.90 -4.59 19.07
C ASN C 450 -2.71 -5.20 17.92
N TYR C 451 -3.41 -4.36 17.14
CA TYR C 451 -4.25 -4.87 16.03
C TYR C 451 -3.39 -5.15 14.80
N ARG C 452 -3.68 -6.24 14.08
CA ARG C 452 -2.92 -6.58 12.84
C ARG C 452 -3.88 -6.59 11.66
N TYR C 453 -3.81 -5.58 10.79
CA TYR C 453 -4.71 -5.49 9.65
C TYR C 453 -4.28 -6.53 8.63
N ARG C 454 -5.10 -6.71 7.55
CA ARG C 454 -4.88 -7.79 6.54
C ARG C 454 -4.11 -7.33 5.34
N LEU C 455 -2.98 -7.94 4.97
CA LEU C 455 -2.28 -7.47 3.74
C LEU C 455 -2.01 -8.58 2.72
N PHE C 456 -2.54 -9.76 2.91
CA PHE C 456 -2.30 -10.73 1.86
C PHE C 456 -3.55 -11.56 1.76
N ARG C 457 -4.24 -11.47 0.65
CA ARG C 457 -5.47 -12.21 0.46
C ARG C 457 -5.44 -12.85 -0.92
N LYS C 458 -6.06 -14.01 -1.06
CA LYS C 458 -6.02 -14.73 -2.32
C LYS C 458 -7.00 -14.19 -3.36
N SER C 459 -8.13 -13.64 -2.93
CA SER C 459 -9.16 -13.22 -3.87
C SER C 459 -10.07 -12.21 -3.20
N ASN C 460 -10.63 -11.31 -4.01
CA ASN C 460 -11.42 -10.21 -3.50
C ASN C 460 -12.56 -10.68 -2.61
N LEU C 461 -13.08 -9.75 -1.82
CA LEU C 461 -14.08 -10.03 -0.81
C LEU C 461 -15.49 -9.90 -1.37
N LYS C 462 -16.37 -10.77 -0.89
CA LYS C 462 -17.79 -10.52 -1.05
C LYS C 462 -18.28 -9.58 0.05
N PRO C 463 -19.25 -8.73 -0.26
CA PRO C 463 -19.70 -7.72 0.72
C PRO C 463 -20.08 -8.33 2.06
N PHE C 464 -19.52 -7.77 3.13
CA PHE C 464 -19.73 -8.22 4.50
C PHE C 464 -19.36 -9.69 4.67
N GLU C 465 -18.10 -9.98 4.38
CA GLU C 465 -17.56 -11.33 4.53
C GLU C 465 -16.46 -11.29 5.59
N ARG C 466 -16.79 -11.65 6.82
CA ARG C 466 -15.79 -11.71 7.89
C ARG C 466 -14.75 -12.76 7.51
N ASP C 467 -13.49 -12.35 7.40
CA ASP C 467 -12.44 -13.29 6.95
C ASP C 467 -11.27 -13.34 7.96
N ILE C 468 -11.58 -13.26 9.26
CA ILE C 468 -10.51 -13.40 10.29
C ILE C 468 -9.89 -14.79 10.12
N SER C 469 -8.57 -14.87 9.89
CA SER C 469 -7.93 -16.19 9.64
C SER C 469 -6.46 -16.16 10.06
N THR C 470 -5.90 -17.33 10.37
CA THR C 470 -4.49 -17.43 10.73
C THR C 470 -3.82 -18.48 9.85
N GLU C 471 -3.31 -18.04 8.70
CA GLU C 471 -2.68 -18.94 7.73
C GLU C 471 -1.37 -18.30 7.30
N ILE C 472 -0.67 -18.95 6.38
CA ILE C 472 0.58 -18.40 5.85
C ILE C 472 0.45 -18.31 4.34
N TYR C 473 0.18 -17.11 3.85
CA TYR C 473 0.25 -16.80 2.43
C TYR C 473 1.63 -17.15 1.91
N GLN C 474 1.69 -17.84 0.78
CA GLN C 474 2.97 -18.33 0.30
C GLN C 474 3.01 -18.37 -1.23
N ALA C 475 4.20 -18.67 -1.77
CA ALA C 475 4.46 -18.78 -3.20
C ALA C 475 4.70 -20.20 -3.69
N GLY C 476 5.57 -20.94 -3.02
CA GLY C 476 5.95 -22.30 -3.40
C GLY C 476 5.17 -23.38 -2.69
N ASN C 477 5.81 -24.52 -2.49
CA ASN C 477 5.08 -25.67 -1.93
C ASN C 477 4.59 -25.38 -0.52
N LYS C 478 5.51 -25.16 0.42
CA LYS C 478 5.09 -25.19 1.80
C LYS C 478 4.83 -23.79 2.35
N PRO C 479 4.05 -23.69 3.42
CA PRO C 479 3.94 -22.44 4.16
C PRO C 479 5.04 -22.33 5.20
N CYS C 480 5.13 -21.15 5.83
CA CYS C 480 6.28 -20.81 6.68
C CYS C 480 6.49 -21.78 7.84
N ASN C 481 5.55 -22.70 8.08
CA ASN C 481 5.75 -23.69 9.13
C ASN C 481 6.98 -24.54 8.88
N GLY C 482 7.35 -24.73 7.62
CA GLY C 482 8.51 -25.52 7.26
C GLY C 482 9.49 -24.79 6.35
N VAL C 483 9.12 -23.57 5.93
CA VAL C 483 9.95 -22.75 5.07
C VAL C 483 10.19 -21.41 5.76
N ALA C 484 11.21 -20.70 5.29
CA ALA C 484 11.52 -19.39 5.83
C ALA C 484 12.07 -18.49 4.72
N GLY C 485 11.74 -17.20 4.80
CA GLY C 485 12.15 -16.22 3.80
C GLY C 485 11.27 -16.21 2.58
N VAL C 486 11.38 -17.21 1.72
CA VAL C 486 10.52 -17.29 0.56
C VAL C 486 9.24 -18.00 0.98
N ASN C 487 8.10 -17.51 0.50
CA ASN C 487 6.79 -18.17 0.79
C ASN C 487 6.55 -18.19 2.31
N CYS C 488 7.08 -17.23 3.04
CA CYS C 488 6.82 -17.13 4.50
C CYS C 488 6.15 -15.78 4.80
N TYR C 489 4.87 -15.65 4.42
CA TYR C 489 4.14 -14.36 4.61
C TYR C 489 2.96 -14.57 5.56
N PHE C 490 2.66 -13.57 6.40
CA PHE C 490 1.58 -13.70 7.35
C PHE C 490 0.69 -12.48 7.19
N PRO C 491 -0.57 -12.68 6.84
CA PRO C 491 -1.38 -11.53 6.37
C PRO C 491 -1.58 -10.48 7.43
N LEU C 492 -1.49 -10.84 8.69
CA LEU C 492 -1.76 -9.90 9.77
C LEU C 492 -0.50 -9.08 10.02
N GLN C 493 -0.49 -7.84 9.54
CA GLN C 493 0.56 -6.87 9.81
C GLN C 493 0.09 -5.78 10.75
N SER C 494 0.95 -5.42 11.70
CA SER C 494 0.61 -4.39 12.66
C SER C 494 0.55 -3.03 11.98
N TYR C 495 -0.03 -2.05 12.69
CA TYR C 495 -0.08 -0.67 12.19
C TYR C 495 1.06 0.20 12.70
N GLY C 496 1.38 0.09 13.99
CA GLY C 496 2.43 0.90 14.57
C GLY C 496 2.06 2.35 14.80
N PHE C 497 0.85 2.59 15.30
CA PHE C 497 0.40 3.95 15.58
C PHE C 497 1.15 4.55 16.77
N ARG C 498 1.87 5.64 16.53
CA ARG C 498 2.66 6.32 17.54
C ARG C 498 2.59 7.81 17.23
N PRO C 499 2.88 8.68 18.20
CA PRO C 499 2.40 10.07 18.07
C PRO C 499 3.16 10.88 17.04
N THR C 500 4.42 10.53 16.76
CA THR C 500 5.19 11.28 15.77
C THR C 500 4.54 11.20 14.39
N TYR C 501 3.78 10.14 14.13
CA TYR C 501 3.08 9.99 12.85
C TYR C 501 2.26 11.22 12.52
N GLY C 502 2.26 11.60 11.24
CA GLY C 502 1.45 12.71 10.78
C GLY C 502 -0.03 12.36 10.74
N VAL C 503 -0.85 13.35 10.34
CA VAL C 503 -2.32 13.14 10.32
C VAL C 503 -2.67 11.92 9.46
N GLY C 504 -2.13 11.87 8.23
CA GLY C 504 -2.42 10.75 7.31
C GLY C 504 -2.22 9.40 7.98
N HIS C 505 -1.50 9.38 9.11
CA HIS C 505 -1.21 8.10 9.80
C HIS C 505 -1.72 8.15 11.25
N GLN C 506 -2.70 9.00 11.52
CA GLN C 506 -3.32 9.05 12.88
C GLN C 506 -4.54 8.13 12.88
N PRO C 507 -4.71 7.20 13.85
CA PRO C 507 -5.82 6.22 13.78
C PRO C 507 -7.21 6.81 13.82
N TYR C 508 -7.91 6.70 12.70
CA TYR C 508 -9.32 7.10 12.61
C TYR C 508 -10.23 5.93 12.98
N ARG C 509 -11.12 6.16 13.93
CA ARG C 509 -12.14 5.19 14.31
C ARG C 509 -13.39 5.41 13.46
N VAL C 510 -13.90 4.33 12.86
CA VAL C 510 -15.00 4.43 11.91
C VAL C 510 -16.13 3.49 12.32
N VAL C 511 -17.37 3.95 12.13
CA VAL C 511 -18.57 3.20 12.49
C VAL C 511 -19.57 3.33 11.34
N VAL C 512 -20.07 2.20 10.83
CA VAL C 512 -20.96 2.20 9.68
C VAL C 512 -22.31 1.60 10.07
N LEU C 513 -23.39 2.30 9.73
CA LEU C 513 -24.76 1.89 10.06
C LEU C 513 -25.48 1.40 8.81
N SER C 514 -26.10 0.22 8.89
CA SER C 514 -26.82 -0.41 7.78
C SER C 514 -28.25 -0.74 8.18
N PHE C 515 -29.20 -0.03 7.59
CA PHE C 515 -30.63 -0.25 7.83
C PHE C 515 -31.20 -1.22 6.80
N GLU C 516 -31.67 -2.37 7.28
CA GLU C 516 -32.38 -3.35 6.45
C GLU C 516 -33.88 -3.09 6.41
N LEU C 517 -34.47 -3.23 5.22
CA LEU C 517 -35.90 -2.95 5.05
C LEU C 517 -36.74 -4.11 4.51
N LEU C 518 -36.13 -5.28 4.31
CA LEU C 518 -36.89 -6.47 3.84
C LEU C 518 -38.01 -6.76 4.84
N HIS C 519 -39.06 -7.47 4.43
CA HIS C 519 -40.22 -7.78 5.32
C HIS C 519 -40.05 -6.97 6.61
N ALA C 520 -40.59 -5.74 6.64
CA ALA C 520 -40.31 -4.87 7.81
C ALA C 520 -41.52 -4.64 8.71
N PRO C 521 -41.81 -5.52 9.70
CA PRO C 521 -42.84 -5.22 10.69
C PRO C 521 -41.93 -4.24 11.42
N ALA C 522 -41.62 -3.10 10.79
CA ALA C 522 -40.60 -2.20 11.30
C ALA C 522 -40.86 -1.85 12.76
N THR C 523 -39.89 -2.14 13.62
CA THR C 523 -40.06 -1.98 15.05
C THR C 523 -39.28 -0.81 15.61
N VAL C 524 -38.68 0.03 14.75
CA VAL C 524 -37.80 1.08 15.26
C VAL C 524 -37.99 2.43 14.56
N CYS C 525 -38.86 3.28 15.11
CA CYS C 525 -38.82 4.70 14.83
C CYS C 525 -39.53 5.44 15.96
N GLY C 526 -39.12 6.69 16.18
CA GLY C 526 -39.71 7.53 17.19
C GLY C 526 -38.96 8.85 17.34
#